data_2GU0
#
_entry.id   2GU0
#
_cell.length_a   134.181
_cell.length_b   134.181
_cell.length_c   112.294
_cell.angle_alpha   90.000
_cell.angle_beta   90.000
_cell.angle_gamma   90.000
#
_symmetry.space_group_name_H-M   'I 4'
#
_entity_poly.entity_id   1
_entity_poly.type   'polypeptide(L)'
_entity_poly.pdbx_seq_one_letter_code
;MAELACFVSFSLTEDKVVWYPINKKAVQTMLCAKVEKDQRSNYYDTILYGVAPPPEFRNRFKTNERYGLDYESDQYTELV
NLLADTLNMVSMPTEKFQFDIVKTVVQVRHLENLLCRIKDVNDILNANVKLRVKAVMIACNLVNETETTPLTESNDIVYQ
DSYFTITKLDYSNHKLLPLMADEYKITINTKTDIPDRNQTAFAAYIRYNFNKFAAISHGKRHWRLVLHSQLMSHAERLDR
KIKSDKKHGRQFSYDDGDMAFVHPGWKTCIGQLCGGTTFEVAKTSLYSIKPSKTVRTATNKIESDLISMVGN
;
_entity_poly.pdbx_strand_id   A,B
#
# COMPACT_ATOMS: atom_id res chain seq x y z
N ALA A 2 -12.80 -9.21 6.86
CA ALA A 2 -12.76 -9.09 8.34
C ALA A 2 -13.86 -9.96 8.99
N GLU A 3 -13.67 -10.31 10.26
CA GLU A 3 -14.63 -11.13 10.99
C GLU A 3 -15.76 -10.22 11.50
N LEU A 4 -16.98 -10.74 11.58
CA LEU A 4 -18.11 -9.94 12.05
C LEU A 4 -17.77 -9.20 13.31
N ALA A 5 -16.88 -9.76 14.12
CA ALA A 5 -16.45 -9.16 15.38
C ALA A 5 -15.61 -7.90 15.23
N CYS A 6 -15.34 -7.49 14.00
CA CYS A 6 -14.57 -6.27 13.80
C CYS A 6 -15.56 -5.13 13.69
N PHE A 7 -16.85 -5.46 13.68
CA PHE A 7 -17.88 -4.44 13.55
C PHE A 7 -18.95 -4.39 14.63
N VAL A 8 -19.18 -5.51 15.32
CA VAL A 8 -20.22 -5.56 16.34
C VAL A 8 -19.90 -6.43 17.55
N SER A 9 -20.36 -5.99 18.72
CA SER A 9 -20.18 -6.75 19.95
C SER A 9 -21.60 -7.16 20.33
N PHE A 10 -21.76 -8.02 21.33
CA PHE A 10 -23.10 -8.45 21.69
C PHE A 10 -23.37 -8.59 23.18
N SER A 11 -24.65 -8.73 23.52
CA SER A 11 -25.11 -8.90 24.88
C SER A 11 -26.11 -10.05 24.86
N LEU A 12 -26.14 -10.83 25.95
CA LEU A 12 -27.02 -11.98 26.07
C LEU A 12 -27.98 -11.90 27.25
N THR A 13 -28.08 -10.74 27.88
CA THR A 13 -28.97 -10.55 29.02
C THR A 13 -30.45 -10.62 28.66
N GLU A 14 -30.78 -10.32 27.40
CA GLU A 14 -32.15 -10.32 26.94
C GLU A 14 -32.60 -11.64 26.34
N ASP A 15 -33.86 -11.67 25.93
CA ASP A 15 -34.44 -12.87 25.33
C ASP A 15 -33.73 -13.18 24.03
N LYS A 16 -33.59 -12.16 23.18
CA LYS A 16 -32.90 -12.33 21.91
C LYS A 16 -31.52 -11.67 22.04
N VAL A 17 -30.58 -12.09 21.21
CA VAL A 17 -29.24 -11.50 21.23
C VAL A 17 -29.31 -10.02 20.84
N VAL A 18 -28.60 -9.18 21.57
CA VAL A 18 -28.56 -7.77 21.27
C VAL A 18 -27.18 -7.41 20.76
N TRP A 19 -27.13 -6.78 19.59
CA TRP A 19 -25.85 -6.39 19.00
C TRP A 19 -25.57 -4.92 19.16
N TYR A 20 -24.29 -4.58 19.28
CA TYR A 20 -23.88 -3.19 19.42
C TYR A 20 -22.79 -2.78 18.43
N PRO A 21 -22.82 -1.52 17.99
CA PRO A 21 -21.86 -0.94 17.04
C PRO A 21 -20.50 -0.77 17.71
N ILE A 22 -19.43 -0.90 16.95
CA ILE A 22 -18.09 -0.70 17.51
C ILE A 22 -17.57 0.61 16.91
N ASN A 23 -17.08 1.54 17.73
CA ASN A 23 -16.62 2.80 17.19
C ASN A 23 -15.11 2.88 16.98
N LYS A 24 -14.70 3.87 16.18
CA LYS A 24 -13.29 4.05 15.85
C LYS A 24 -12.40 4.36 17.02
N LYS A 25 -12.90 5.08 18.01
CA LYS A 25 -12.05 5.36 19.17
C LYS A 25 -11.80 4.04 19.88
N ALA A 26 -12.84 3.25 20.04
CA ALA A 26 -12.69 1.96 20.69
C ALA A 26 -11.53 1.26 19.99
N VAL A 27 -11.68 1.02 18.69
CA VAL A 27 -10.65 0.37 17.89
C VAL A 27 -9.28 1.02 18.09
N GLN A 28 -9.20 2.33 18.00
CA GLN A 28 -7.92 3.02 18.17
C GLN A 28 -7.30 2.66 19.51
N THR A 29 -8.13 2.60 20.54
CA THR A 29 -7.70 2.27 21.89
C THR A 29 -7.20 0.83 22.06
N MET A 30 -7.92 -0.15 21.54
CA MET A 30 -7.46 -1.50 21.72
C MET A 30 -6.24 -1.79 20.86
N LEU A 31 -6.01 -0.97 19.84
CA LEU A 31 -4.83 -1.23 19.03
C LEU A 31 -3.59 -0.78 19.76
N CYS A 32 -3.74 0.17 20.69
CA CYS A 32 -2.59 0.65 21.43
C CYS A 32 -2.48 0.01 22.82
N ALA A 33 -3.58 -0.57 23.31
CA ALA A 33 -3.57 -1.19 24.63
C ALA A 33 -2.68 -2.40 24.75
N LYS A 34 -2.22 -2.66 25.97
CA LYS A 34 -1.39 -3.81 26.28
C LYS A 34 -2.27 -4.91 26.84
N VAL A 35 -2.44 -5.97 26.05
CA VAL A 35 -3.28 -7.08 26.45
C VAL A 35 -2.49 -8.37 26.59
N GLU A 36 -2.69 -9.07 27.70
CA GLU A 36 -1.99 -10.32 27.94
C GLU A 36 -2.47 -11.36 26.95
N LYS A 37 -1.56 -12.23 26.52
CA LYS A 37 -1.87 -13.26 25.54
C LYS A 37 -3.18 -13.99 25.83
N ASP A 38 -3.35 -14.43 27.07
CA ASP A 38 -4.54 -15.13 27.48
C ASP A 38 -5.85 -14.37 27.22
N GLN A 39 -5.75 -13.11 26.79
CA GLN A 39 -6.95 -12.30 26.55
C GLN A 39 -7.19 -11.86 25.11
N ARG A 40 -6.18 -11.96 24.26
CA ARG A 40 -6.26 -11.54 22.87
C ARG A 40 -7.51 -11.96 22.08
N SER A 41 -8.10 -13.09 22.43
CA SER A 41 -9.27 -13.58 21.72
C SER A 41 -10.61 -13.09 22.28
N ASN A 42 -10.56 -12.27 23.33
CA ASN A 42 -11.79 -11.74 23.92
C ASN A 42 -12.08 -10.31 23.46
N TYR A 43 -13.35 -9.94 23.44
CA TYR A 43 -13.68 -8.58 23.06
C TYR A 43 -12.97 -7.73 24.11
N TYR A 44 -12.41 -6.61 23.70
CA TYR A 44 -11.67 -5.74 24.59
C TYR A 44 -12.46 -4.54 25.14
N ASP A 45 -12.47 -4.39 26.46
CA ASP A 45 -13.18 -3.26 27.03
C ASP A 45 -12.27 -2.03 27.15
N THR A 46 -12.64 -1.02 26.39
CA THR A 46 -11.94 0.26 26.28
C THR A 46 -12.25 1.21 27.44
N ILE A 47 -13.25 0.84 28.23
CA ILE A 47 -13.66 1.66 29.36
C ILE A 47 -14.25 2.99 28.87
N LEU A 48 -13.42 3.84 28.30
CA LEU A 48 -13.94 5.12 27.82
C LEU A 48 -14.79 5.09 26.52
N TYR A 49 -14.52 4.14 25.63
CA TYR A 49 -15.24 4.09 24.36
C TYR A 49 -16.01 2.82 24.06
N GLY A 50 -16.33 2.07 25.10
CA GLY A 50 -17.08 0.85 24.88
C GLY A 50 -16.22 -0.35 24.52
N VAL A 51 -16.83 -1.31 23.85
CA VAL A 51 -16.16 -2.53 23.48
C VAL A 51 -15.51 -2.52 22.11
N ALA A 52 -14.21 -2.86 22.08
CA ALA A 52 -13.45 -2.92 20.85
C ALA A 52 -13.38 -4.39 20.42
N PRO A 53 -12.89 -4.65 19.20
CA PRO A 53 -12.79 -6.03 18.71
C PRO A 53 -11.69 -6.82 19.40
N PRO A 54 -11.81 -8.16 19.38
CA PRO A 54 -10.77 -8.99 20.01
C PRO A 54 -9.42 -8.63 19.40
N PRO A 55 -8.40 -8.38 20.22
CA PRO A 55 -7.08 -8.03 19.69
C PRO A 55 -6.55 -9.05 18.69
N GLU A 56 -7.13 -10.24 18.74
CA GLU A 56 -6.79 -11.34 17.85
C GLU A 56 -7.07 -10.97 16.39
N PHE A 57 -7.67 -9.81 16.15
CA PHE A 57 -8.00 -9.41 14.79
C PHE A 57 -7.39 -8.09 14.32
N ARG A 58 -6.56 -7.46 15.15
CA ARG A 58 -5.94 -6.18 14.77
C ARG A 58 -5.34 -6.21 13.36
N ASN A 59 -4.96 -7.39 12.87
CA ASN A 59 -4.41 -7.53 11.53
C ASN A 59 -5.34 -6.84 10.53
N ARG A 60 -6.63 -7.15 10.68
CA ARG A 60 -7.69 -6.63 9.84
C ARG A 60 -7.82 -5.10 9.65
N PHE A 61 -7.28 -4.30 10.57
CA PHE A 61 -7.42 -2.86 10.45
C PHE A 61 -6.22 -2.15 9.82
N LYS A 62 -6.48 -0.99 9.23
CA LYS A 62 -5.45 -0.22 8.58
C LYS A 62 -4.56 0.51 9.57
N THR A 63 -3.26 0.47 9.31
CA THR A 63 -2.26 1.14 10.14
C THR A 63 -1.41 1.99 9.22
N ASN A 64 -0.70 2.96 9.78
CA ASN A 64 0.17 3.85 9.01
C ASN A 64 0.98 3.11 7.96
N GLU A 65 1.10 1.80 8.11
CA GLU A 65 1.85 0.99 7.16
C GLU A 65 1.28 -0.41 6.99
N ARG A 66 -0.04 -0.51 6.97
CA ARG A 66 -0.71 -1.81 6.81
C ARG A 66 -2.04 -1.56 6.11
N TYR A 67 -2.40 -2.43 5.18
CA TYR A 67 -3.66 -2.27 4.46
C TYR A 67 -4.77 -2.98 5.18
N GLY A 68 -5.78 -2.22 5.59
CA GLY A 68 -6.91 -2.81 6.28
C GLY A 68 -8.13 -1.93 6.23
N LEU A 69 -9.12 -2.28 7.02
CA LEU A 69 -10.35 -1.53 7.11
C LEU A 69 -10.02 -0.12 7.54
N ASP A 70 -10.46 0.87 6.79
CA ASP A 70 -10.19 2.23 7.17
C ASP A 70 -11.31 2.60 8.15
N TYR A 71 -11.20 2.05 9.35
CA TYR A 71 -12.18 2.25 10.41
C TYR A 71 -12.30 3.69 10.85
N GLU A 72 -11.36 4.53 10.42
CA GLU A 72 -11.38 5.94 10.77
C GLU A 72 -12.39 6.63 9.87
N SER A 73 -12.79 5.90 8.82
CA SER A 73 -13.77 6.39 7.85
C SER A 73 -15.21 6.54 8.35
N ASP A 74 -15.92 7.50 7.78
CA ASP A 74 -17.32 7.75 8.13
C ASP A 74 -18.12 6.59 7.61
N GLN A 75 -17.50 5.79 6.77
CA GLN A 75 -18.16 4.65 6.14
C GLN A 75 -18.16 3.45 7.09
N TYR A 76 -17.20 3.43 8.02
CA TYR A 76 -17.09 2.38 9.03
C TYR A 76 -18.26 2.50 10.01
N THR A 77 -18.57 3.74 10.40
CA THR A 77 -19.66 4.02 11.31
C THR A 77 -20.94 3.50 10.68
N GLU A 78 -21.09 3.81 9.39
CA GLU A 78 -22.27 3.41 8.62
C GLU A 78 -22.45 1.90 8.65
N LEU A 79 -21.44 1.18 8.17
CA LEU A 79 -21.48 -0.27 8.13
C LEU A 79 -21.71 -0.84 9.53
N VAL A 80 -20.99 -0.29 10.49
CA VAL A 80 -21.10 -0.76 11.86
C VAL A 80 -22.56 -0.69 12.35
N ASN A 81 -23.25 0.40 12.02
CA ASN A 81 -24.63 0.54 12.45
C ASN A 81 -25.60 -0.30 11.64
N LEU A 82 -25.29 -0.49 10.35
CA LEU A 82 -26.13 -1.30 9.49
C LEU A 82 -26.09 -2.73 10.03
N LEU A 83 -24.90 -3.21 10.36
CA LEU A 83 -24.76 -4.56 10.88
C LEU A 83 -25.50 -4.75 12.20
N ALA A 84 -25.34 -3.82 13.14
CA ALA A 84 -26.03 -3.94 14.42
C ALA A 84 -27.55 -3.96 14.17
N ASP A 85 -28.07 -2.89 13.59
CA ASP A 85 -29.49 -2.81 13.28
C ASP A 85 -29.97 -4.09 12.65
N THR A 86 -29.28 -4.51 11.59
CA THR A 86 -29.67 -5.72 10.91
C THR A 86 -29.73 -6.88 11.87
N LEU A 87 -28.58 -7.29 12.39
CA LEU A 87 -28.54 -8.39 13.33
C LEU A 87 -29.65 -8.34 14.40
N ASN A 88 -29.95 -7.15 14.89
CA ASN A 88 -30.96 -7.04 15.92
C ASN A 88 -32.32 -7.49 15.39
N MET A 89 -32.61 -7.19 14.14
CA MET A 89 -33.88 -7.59 13.58
C MET A 89 -33.99 -9.10 13.49
N VAL A 90 -32.96 -9.76 12.99
CA VAL A 90 -32.98 -11.20 12.90
C VAL A 90 -33.45 -11.80 14.23
N SER A 91 -33.27 -11.04 15.30
CA SER A 91 -33.68 -11.45 16.63
C SER A 91 -33.35 -12.88 16.96
N MET A 92 -32.11 -13.29 16.69
CA MET A 92 -31.69 -14.63 16.99
C MET A 92 -31.82 -14.90 18.50
N PRO A 93 -32.30 -16.10 18.88
CA PRO A 93 -32.49 -16.50 20.27
C PRO A 93 -31.22 -16.76 21.12
N THR A 94 -31.11 -16.03 22.22
CA THR A 94 -29.99 -16.13 23.15
C THR A 94 -29.56 -17.56 23.41
N GLU A 95 -30.51 -18.37 23.86
CA GLU A 95 -30.25 -19.78 24.16
C GLU A 95 -29.48 -20.52 23.06
N LYS A 96 -29.77 -20.20 21.81
CA LYS A 96 -29.12 -20.87 20.70
C LYS A 96 -27.92 -20.13 20.11
N PHE A 97 -27.53 -19.03 20.75
CA PHE A 97 -26.40 -18.23 20.30
C PHE A 97 -25.07 -19.00 20.35
N GLN A 98 -24.24 -18.77 19.34
CA GLN A 98 -22.93 -19.42 19.27
C GLN A 98 -21.85 -18.36 19.03
N PHE A 99 -21.01 -18.15 20.03
CA PHE A 99 -19.95 -17.16 19.92
C PHE A 99 -19.23 -17.22 18.58
N ASP A 100 -19.15 -18.41 17.99
CA ASP A 100 -18.47 -18.57 16.71
C ASP A 100 -18.98 -17.66 15.59
N ILE A 101 -20.27 -17.33 15.61
CA ILE A 101 -20.84 -16.48 14.56
C ILE A 101 -19.98 -15.22 14.39
N VAL A 102 -19.53 -14.69 15.52
CA VAL A 102 -18.68 -13.51 15.59
C VAL A 102 -17.36 -13.68 14.81
N LYS A 103 -17.02 -14.90 14.43
CA LYS A 103 -15.77 -15.14 13.70
C LYS A 103 -16.02 -15.30 12.20
N THR A 104 -17.27 -15.14 11.81
CA THR A 104 -17.67 -15.24 10.41
C THR A 104 -17.00 -14.15 9.58
N VAL A 105 -16.30 -14.54 8.53
CA VAL A 105 -15.67 -13.56 7.68
C VAL A 105 -16.77 -12.92 6.84
N VAL A 106 -16.80 -11.61 6.86
CA VAL A 106 -17.83 -10.84 6.16
C VAL A 106 -17.29 -10.29 4.83
N GLN A 107 -18.21 -10.04 3.89
CA GLN A 107 -17.84 -9.50 2.58
C GLN A 107 -17.87 -7.97 2.65
N VAL A 108 -16.83 -7.41 3.25
CA VAL A 108 -16.71 -5.97 3.45
C VAL A 108 -16.98 -5.05 2.26
N ARG A 109 -16.47 -5.38 1.09
CA ARG A 109 -16.68 -4.53 -0.07
C ARG A 109 -18.08 -4.66 -0.60
N HIS A 110 -18.65 -5.84 -0.42
CA HIS A 110 -20.02 -6.13 -0.84
C HIS A 110 -20.92 -5.26 0.08
N LEU A 111 -20.67 -5.31 1.38
CA LEU A 111 -21.49 -4.53 2.32
C LEU A 111 -21.37 -3.05 2.04
N GLU A 112 -20.16 -2.63 1.67
CA GLU A 112 -19.93 -1.22 1.39
C GLU A 112 -20.82 -0.81 0.23
N ASN A 113 -21.06 -1.72 -0.71
CA ASN A 113 -21.92 -1.36 -1.81
C ASN A 113 -23.37 -1.34 -1.35
N LEU A 114 -23.76 -2.29 -0.50
CA LEU A 114 -25.14 -2.29 -0.01
C LEU A 114 -25.44 -0.95 0.66
N LEU A 115 -24.47 -0.40 1.39
CA LEU A 115 -24.64 0.90 2.05
C LEU A 115 -25.08 1.97 1.06
N CYS A 116 -24.48 1.97 -0.13
CA CYS A 116 -24.83 2.94 -1.16
C CYS A 116 -26.23 2.68 -1.65
N ARG A 117 -26.59 1.42 -1.84
CA ARG A 117 -27.93 1.09 -2.31
C ARG A 117 -28.91 1.58 -1.27
N ILE A 118 -28.60 1.32 -0.01
CA ILE A 118 -29.50 1.71 1.06
C ILE A 118 -29.69 3.22 1.26
N LYS A 119 -28.64 4.03 1.16
CA LYS A 119 -28.84 5.46 1.36
C LYS A 119 -29.42 6.11 0.12
N ASP A 120 -29.62 5.32 -0.93
CA ASP A 120 -30.20 5.81 -2.18
C ASP A 120 -31.73 5.80 -2.05
N VAL A 121 -32.33 6.99 -2.04
CA VAL A 121 -33.78 7.11 -1.88
C VAL A 121 -34.59 6.46 -3.00
N ASN A 122 -33.96 6.29 -4.16
CA ASN A 122 -34.62 5.70 -5.30
C ASN A 122 -34.50 4.18 -5.30
N ASP A 123 -33.63 3.64 -4.45
CA ASP A 123 -33.46 2.21 -4.39
C ASP A 123 -34.46 1.57 -3.45
N ILE A 124 -34.88 0.35 -3.77
CA ILE A 124 -35.87 -0.36 -2.96
C ILE A 124 -35.36 -0.66 -1.57
N LEU A 125 -34.04 -0.81 -1.42
CA LEU A 125 -33.45 -1.12 -0.13
C LEU A 125 -33.46 0.10 0.78
N ASN A 126 -33.91 1.23 0.24
CA ASN A 126 -33.97 2.45 1.03
C ASN A 126 -35.11 2.36 2.04
N ALA A 127 -36.25 1.85 1.59
CA ALA A 127 -37.44 1.73 2.43
C ALA A 127 -37.83 0.30 2.74
N ASN A 128 -37.59 -0.61 1.81
CA ASN A 128 -37.97 -1.99 2.06
C ASN A 128 -36.96 -2.63 3.01
N VAL A 129 -37.37 -2.77 4.26
CA VAL A 129 -36.53 -3.35 5.29
C VAL A 129 -36.30 -4.86 5.17
N LYS A 130 -37.36 -5.62 4.92
CA LYS A 130 -37.22 -7.06 4.81
C LYS A 130 -36.17 -7.46 3.79
N LEU A 131 -36.22 -6.83 2.61
CA LEU A 131 -35.24 -7.12 1.56
C LEU A 131 -33.86 -6.68 2.02
N ARG A 132 -33.79 -5.52 2.65
CA ARG A 132 -32.52 -5.00 3.17
C ARG A 132 -31.86 -6.03 4.07
N VAL A 133 -32.61 -6.55 5.04
CA VAL A 133 -32.07 -7.55 5.97
C VAL A 133 -31.55 -8.77 5.21
N LYS A 134 -32.29 -9.21 4.20
CA LYS A 134 -31.85 -10.37 3.42
C LYS A 134 -30.58 -10.09 2.64
N ALA A 135 -30.52 -8.93 1.98
CA ALA A 135 -29.34 -8.55 1.21
C ALA A 135 -28.08 -8.53 2.09
N VAL A 136 -28.24 -7.95 3.27
CA VAL A 136 -27.13 -7.84 4.21
C VAL A 136 -26.74 -9.19 4.79
N MET A 137 -27.71 -10.02 5.10
CA MET A 137 -27.38 -11.33 5.65
C MET A 137 -26.57 -12.08 4.62
N ILE A 138 -27.01 -12.05 3.36
CA ILE A 138 -26.27 -12.72 2.30
C ILE A 138 -24.83 -12.18 2.32
N ALA A 139 -24.68 -10.86 2.26
CA ALA A 139 -23.37 -10.23 2.26
C ALA A 139 -22.49 -10.64 3.44
N CYS A 140 -23.13 -11.05 4.55
CA CYS A 140 -22.41 -11.45 5.77
C CYS A 140 -22.11 -12.93 5.87
N ASN A 141 -22.55 -13.70 4.89
CA ASN A 141 -22.33 -15.14 4.88
C ASN A 141 -23.01 -15.82 6.05
N LEU A 142 -24.15 -15.28 6.45
CA LEU A 142 -24.91 -15.84 7.56
C LEU A 142 -26.17 -16.54 7.04
N VAL A 143 -26.35 -16.55 5.72
CA VAL A 143 -27.50 -17.21 5.12
C VAL A 143 -27.17 -17.84 3.76
N ASN A 144 -27.88 -18.91 3.41
CA ASN A 144 -27.64 -19.64 2.18
C ASN A 144 -28.34 -19.05 0.97
N GLU A 145 -29.38 -18.26 1.20
CA GLU A 145 -30.16 -17.63 0.13
C GLU A 145 -29.37 -17.21 -1.12
N THR A 146 -30.00 -17.35 -2.29
CA THR A 146 -29.38 -17.00 -3.57
C THR A 146 -29.45 -15.49 -3.84
N GLU A 147 -28.33 -14.89 -4.24
CA GLU A 147 -28.28 -13.45 -4.51
C GLU A 147 -28.99 -13.07 -5.81
N THR A 148 -30.30 -12.93 -5.73
CA THR A 148 -31.08 -12.56 -6.90
C THR A 148 -30.83 -11.09 -7.18
N THR A 149 -31.48 -10.53 -8.20
CA THR A 149 -31.24 -9.13 -8.54
C THR A 149 -31.64 -8.10 -7.50
N PRO A 150 -32.78 -8.28 -6.82
CA PRO A 150 -33.21 -7.32 -5.80
C PRO A 150 -32.23 -7.20 -4.65
N LEU A 151 -31.39 -8.22 -4.49
CA LEU A 151 -30.43 -8.26 -3.41
C LEU A 151 -28.96 -8.05 -3.77
N THR A 152 -28.66 -7.83 -5.05
CA THR A 152 -27.26 -7.67 -5.45
C THR A 152 -26.60 -6.56 -4.65
N GLU A 153 -25.28 -6.62 -4.55
CA GLU A 153 -24.54 -5.61 -3.83
C GLU A 153 -24.54 -4.25 -4.53
N SER A 154 -24.80 -4.19 -5.82
CA SER A 154 -24.74 -2.91 -6.52
C SER A 154 -25.91 -2.45 -7.39
N ASN A 155 -26.12 -1.13 -7.35
CA ASN A 155 -27.14 -0.36 -8.08
C ASN A 155 -26.80 -0.13 -9.53
N ASP A 156 -25.55 0.23 -9.75
CA ASP A 156 -25.05 0.56 -11.06
C ASP A 156 -25.48 -0.41 -12.15
N ILE A 157 -26.70 -0.23 -12.66
CA ILE A 157 -27.22 -1.11 -13.70
C ILE A 157 -26.75 -0.76 -15.10
N VAL A 158 -25.95 -1.66 -15.66
CA VAL A 158 -25.39 -1.46 -16.99
C VAL A 158 -26.14 -2.20 -18.10
N TYR A 159 -27.04 -3.11 -17.71
CA TYR A 159 -27.84 -3.87 -18.66
C TYR A 159 -28.96 -4.61 -17.94
N GLN A 160 -30.10 -4.71 -18.60
CA GLN A 160 -31.21 -5.42 -18.01
C GLN A 160 -32.22 -5.86 -19.03
N ASP A 161 -32.36 -7.17 -19.21
CA ASP A 161 -33.39 -7.67 -20.10
C ASP A 161 -34.36 -8.32 -19.11
N SER A 162 -35.35 -9.06 -19.57
CA SER A 162 -36.33 -9.62 -18.65
C SER A 162 -35.85 -10.67 -17.66
N TYR A 163 -34.71 -11.29 -17.91
CA TYR A 163 -34.24 -12.33 -17.01
C TYR A 163 -33.00 -11.95 -16.23
N PHE A 164 -32.05 -11.29 -16.87
CA PHE A 164 -30.81 -10.93 -16.18
C PHE A 164 -30.62 -9.45 -15.96
N THR A 165 -29.61 -9.13 -15.15
CA THR A 165 -29.25 -7.76 -14.85
C THR A 165 -27.75 -7.69 -14.65
N ILE A 166 -27.08 -6.75 -15.31
CA ILE A 166 -25.65 -6.61 -15.13
C ILE A 166 -25.38 -5.33 -14.33
N THR A 167 -24.65 -5.45 -13.22
CA THR A 167 -24.34 -4.30 -12.40
C THR A 167 -22.84 -4.11 -12.27
N LYS A 168 -22.40 -2.86 -12.23
CA LYS A 168 -20.97 -2.60 -12.14
C LYS A 168 -20.40 -2.62 -10.72
N LEU A 169 -19.37 -3.43 -10.52
CA LEU A 169 -18.70 -3.56 -9.23
C LEU A 169 -17.44 -2.71 -9.32
N ASP A 170 -17.53 -1.52 -8.73
CA ASP A 170 -16.44 -0.58 -8.74
C ASP A 170 -15.98 -0.36 -7.32
N TYR A 171 -14.84 -0.94 -6.97
CA TYR A 171 -14.30 -0.83 -5.65
C TYR A 171 -13.30 0.30 -5.58
N SER A 172 -12.83 0.72 -6.74
CA SER A 172 -11.84 1.78 -6.84
C SER A 172 -12.10 2.99 -5.94
N ASN A 173 -13.37 3.30 -5.64
CA ASN A 173 -13.67 4.46 -4.81
C ASN A 173 -14.17 4.18 -3.39
N HIS A 174 -14.13 2.93 -2.96
CA HIS A 174 -14.57 2.58 -1.62
C HIS A 174 -13.70 3.21 -0.54
N LYS A 175 -14.31 3.62 0.58
CA LYS A 175 -13.53 4.20 1.66
C LYS A 175 -12.98 3.12 2.62
N LEU A 176 -13.63 1.95 2.67
CA LEU A 176 -13.19 0.89 3.56
C LEU A 176 -11.97 0.11 3.05
N LEU A 177 -12.14 -0.64 1.96
CA LEU A 177 -11.04 -1.41 1.41
C LEU A 177 -10.95 -1.19 -0.09
N PRO A 178 -10.38 -0.05 -0.51
CA PRO A 178 -10.20 0.34 -1.92
C PRO A 178 -9.60 -0.78 -2.76
N LEU A 179 -10.05 -0.91 -4.00
CA LEU A 179 -9.55 -1.95 -4.89
C LEU A 179 -9.75 -1.56 -6.36
N MET A 180 -8.85 -2.05 -7.22
CA MET A 180 -8.91 -1.70 -8.64
C MET A 180 -9.61 -2.70 -9.55
N ALA A 181 -9.71 -3.96 -9.14
CA ALA A 181 -10.38 -4.96 -9.96
C ALA A 181 -11.51 -4.37 -10.81
N ASP A 182 -11.54 -4.75 -12.09
CA ASP A 182 -12.52 -4.30 -13.06
C ASP A 182 -13.54 -5.45 -13.20
N GLU A 183 -14.65 -5.36 -12.48
CA GLU A 183 -15.63 -6.43 -12.55
C GLU A 183 -17.07 -5.95 -12.68
N TYR A 184 -17.95 -6.87 -13.06
CA TYR A 184 -19.39 -6.61 -13.16
C TYR A 184 -20.04 -7.87 -12.60
N LYS A 185 -21.33 -7.77 -12.27
CA LYS A 185 -22.02 -8.94 -11.72
C LYS A 185 -23.34 -9.21 -12.44
N ILE A 186 -23.55 -10.48 -12.80
CA ILE A 186 -24.77 -10.92 -13.47
C ILE A 186 -25.62 -11.64 -12.44
N THR A 187 -26.87 -11.22 -12.28
CA THR A 187 -27.74 -11.90 -11.31
C THR A 187 -29.08 -12.11 -11.97
N ILE A 188 -29.74 -13.23 -11.69
CA ILE A 188 -31.06 -13.48 -12.29
C ILE A 188 -32.10 -12.69 -11.51
N ASN A 189 -33.15 -12.25 -12.18
CA ASN A 189 -34.17 -11.47 -11.50
C ASN A 189 -35.16 -12.33 -10.74
N THR A 190 -35.19 -13.62 -11.08
CA THR A 190 -36.10 -14.59 -10.48
C THR A 190 -35.52 -15.99 -10.59
N LYS A 191 -35.77 -16.83 -9.59
CA LYS A 191 -35.27 -18.20 -9.60
C LYS A 191 -36.01 -19.07 -10.61
N THR A 192 -36.69 -18.44 -11.57
CA THR A 192 -37.45 -19.17 -12.59
C THR A 192 -36.56 -19.74 -13.69
N ASP A 193 -37.02 -20.81 -14.32
CA ASP A 193 -36.26 -21.46 -15.39
C ASP A 193 -36.09 -20.47 -16.52
N ILE A 194 -34.86 -20.31 -16.98
CA ILE A 194 -34.57 -19.38 -18.05
C ILE A 194 -34.48 -20.07 -19.41
N PRO A 195 -35.43 -19.76 -20.32
CA PRO A 195 -35.47 -20.32 -21.67
C PRO A 195 -34.12 -20.26 -22.36
N ASP A 196 -33.80 -21.28 -23.14
CA ASP A 196 -32.53 -21.33 -23.85
C ASP A 196 -32.36 -20.16 -24.82
N ARG A 197 -33.46 -19.74 -25.46
CA ARG A 197 -33.40 -18.64 -26.40
C ARG A 197 -32.82 -17.37 -25.78
N ASN A 198 -33.21 -17.10 -24.53
CA ASN A 198 -32.72 -15.92 -23.82
C ASN A 198 -31.30 -16.14 -23.29
N GLN A 199 -31.05 -17.34 -22.78
CA GLN A 199 -29.72 -17.65 -22.30
C GLN A 199 -28.71 -17.31 -23.40
N THR A 200 -28.96 -17.84 -24.60
CA THR A 200 -28.10 -17.62 -25.75
C THR A 200 -28.04 -16.16 -26.19
N ALA A 201 -29.18 -15.48 -26.18
CA ALA A 201 -29.17 -14.08 -26.58
C ALA A 201 -28.21 -13.32 -25.65
N PHE A 202 -28.38 -13.55 -24.35
CA PHE A 202 -27.56 -12.90 -23.35
C PHE A 202 -26.07 -13.25 -23.56
N ALA A 203 -25.82 -14.53 -23.84
CA ALA A 203 -24.47 -15.04 -24.07
C ALA A 203 -23.80 -14.24 -25.18
N ALA A 204 -24.58 -14.00 -26.24
CA ALA A 204 -24.11 -13.24 -27.37
C ALA A 204 -24.00 -11.79 -26.96
N TYR A 205 -24.95 -11.32 -26.15
CA TYR A 205 -24.91 -9.95 -25.69
C TYR A 205 -23.62 -9.62 -24.98
N ILE A 206 -23.20 -10.46 -24.03
CA ILE A 206 -21.96 -10.13 -23.32
C ILE A 206 -20.70 -10.41 -24.10
N ARG A 207 -20.80 -11.21 -25.17
CA ARG A 207 -19.61 -11.48 -25.96
C ARG A 207 -19.21 -10.20 -26.67
N TYR A 208 -20.21 -9.50 -27.19
CA TYR A 208 -19.95 -8.25 -27.91
C TYR A 208 -19.75 -7.04 -26.98
N ASN A 209 -20.50 -6.98 -25.87
CA ASN A 209 -20.40 -5.84 -24.94
C ASN A 209 -19.32 -5.95 -23.84
N PHE A 210 -18.83 -7.15 -23.59
CA PHE A 210 -17.80 -7.38 -22.58
C PHE A 210 -16.86 -8.45 -23.13
N ASN A 211 -16.29 -8.20 -24.31
CA ASN A 211 -15.42 -9.19 -24.93
C ASN A 211 -14.16 -9.47 -24.14
N LYS A 212 -13.70 -8.53 -23.34
CA LYS A 212 -12.49 -8.71 -22.53
C LYS A 212 -12.75 -9.58 -21.28
N PHE A 213 -14.02 -9.85 -21.01
CA PHE A 213 -14.40 -10.61 -19.83
C PHE A 213 -14.91 -12.02 -20.03
N ALA A 214 -14.96 -12.76 -18.94
CA ALA A 214 -15.45 -14.12 -18.92
C ALA A 214 -16.39 -14.22 -17.72
N ALA A 215 -17.61 -14.68 -17.96
CA ALA A 215 -18.58 -14.82 -16.90
C ALA A 215 -18.34 -16.14 -16.20
N ILE A 216 -17.98 -16.06 -14.91
CA ILE A 216 -17.72 -17.26 -14.12
C ILE A 216 -18.70 -17.41 -12.96
N SER A 217 -18.60 -18.51 -12.25
CA SER A 217 -19.45 -18.77 -11.10
C SER A 217 -18.64 -19.45 -10.01
N HIS A 218 -18.79 -18.96 -8.79
CA HIS A 218 -18.09 -19.53 -7.64
C HIS A 218 -18.97 -20.63 -7.04
N GLY A 219 -19.93 -21.11 -7.81
CA GLY A 219 -20.80 -22.17 -7.32
C GLY A 219 -22.25 -21.79 -7.11
N LYS A 220 -22.51 -20.54 -6.75
CA LYS A 220 -23.87 -20.08 -6.50
C LYS A 220 -24.59 -19.76 -7.81
N ARG A 221 -25.79 -19.17 -7.72
CA ARG A 221 -26.53 -18.83 -8.94
C ARG A 221 -26.44 -17.34 -9.28
N HIS A 222 -25.22 -16.85 -9.39
CA HIS A 222 -24.96 -15.47 -9.78
C HIS A 222 -23.57 -15.51 -10.40
N TRP A 223 -23.25 -14.55 -11.26
CA TRP A 223 -21.98 -14.59 -11.96
C TRP A 223 -21.15 -13.32 -11.97
N ARG A 224 -19.84 -13.50 -12.08
CA ARG A 224 -18.94 -12.37 -12.10
C ARG A 224 -18.18 -12.28 -13.45
N LEU A 225 -18.28 -11.13 -14.10
CA LEU A 225 -17.58 -10.90 -15.36
C LEU A 225 -16.18 -10.44 -14.95
N VAL A 226 -15.17 -11.24 -15.24
CA VAL A 226 -13.80 -10.91 -14.88
C VAL A 226 -12.91 -10.78 -16.10
N LEU A 227 -11.79 -10.08 -15.95
CA LEU A 227 -10.86 -9.91 -17.06
C LEU A 227 -10.17 -11.22 -17.38
N HIS A 228 -9.98 -11.50 -18.68
CA HIS A 228 -9.30 -12.73 -19.07
C HIS A 228 -7.98 -12.85 -18.33
N SER A 229 -7.33 -11.70 -18.13
CA SER A 229 -6.06 -11.64 -17.42
C SER A 229 -6.30 -11.83 -15.92
N GLN A 230 -7.34 -12.55 -15.56
CA GLN A 230 -7.65 -12.78 -14.15
C GLN A 230 -8.30 -14.13 -14.00
N LEU A 231 -8.76 -14.66 -15.13
CA LEU A 231 -9.42 -15.95 -15.16
C LEU A 231 -8.67 -17.00 -14.33
N MET A 232 -7.34 -17.03 -14.44
CA MET A 232 -6.53 -17.98 -13.65
C MET A 232 -6.80 -17.81 -12.16
N SER A 233 -6.44 -16.64 -11.64
CA SER A 233 -6.63 -16.30 -10.23
C SER A 233 -7.92 -16.85 -9.63
N HIS A 234 -9.04 -16.49 -10.24
CA HIS A 234 -10.34 -16.94 -9.77
C HIS A 234 -10.41 -18.45 -9.87
N ALA A 235 -9.67 -19.00 -10.82
CA ALA A 235 -9.64 -20.44 -11.03
C ALA A 235 -8.88 -21.08 -9.88
N GLU A 236 -7.79 -20.46 -9.47
CA GLU A 236 -6.97 -20.98 -8.37
C GLU A 236 -7.75 -20.89 -7.05
N ARG A 237 -8.33 -19.72 -6.78
CA ARG A 237 -9.11 -19.52 -5.56
C ARG A 237 -10.14 -20.62 -5.40
N LEU A 238 -10.95 -20.83 -6.44
CA LEU A 238 -11.99 -21.84 -6.39
C LEU A 238 -11.38 -23.21 -6.13
N ASP A 239 -10.12 -23.38 -6.52
CA ASP A 239 -9.42 -24.64 -6.33
C ASP A 239 -9.06 -24.82 -4.86
N ARG A 240 -8.35 -23.84 -4.30
CA ARG A 240 -7.96 -23.88 -2.89
C ARG A 240 -9.22 -24.12 -2.05
N LYS A 241 -10.36 -23.65 -2.56
CA LYS A 241 -11.64 -23.82 -1.87
C LYS A 241 -12.08 -25.28 -1.97
N ILE A 242 -11.86 -25.87 -3.15
CA ILE A 242 -12.21 -27.28 -3.39
C ILE A 242 -11.31 -28.16 -2.54
N LYS A 243 -10.21 -27.60 -2.06
CA LYS A 243 -9.26 -28.33 -1.21
C LYS A 243 -9.90 -28.59 0.15
N SER A 244 -10.30 -27.52 0.84
CA SER A 244 -10.93 -27.65 2.15
C SER A 244 -12.30 -28.29 2.01
N ASP A 245 -12.29 -29.62 2.00
CA ASP A 245 -13.50 -30.43 1.88
C ASP A 245 -13.74 -31.17 3.19
N LYS A 246 -12.64 -31.44 3.89
CA LYS A 246 -12.67 -32.14 5.18
C LYS A 246 -13.74 -31.60 6.12
N TYR A 254 -21.23 -27.20 -6.11
CA TYR A 254 -20.98 -26.26 -7.20
C TYR A 254 -22.09 -26.28 -8.25
N ASP A 255 -22.99 -25.29 -8.19
CA ASP A 255 -24.08 -25.20 -9.16
C ASP A 255 -23.87 -24.07 -10.16
N ASP A 256 -23.16 -24.38 -11.23
CA ASP A 256 -22.85 -23.43 -12.31
C ASP A 256 -24.13 -22.83 -12.85
N GLY A 257 -25.27 -23.44 -12.52
CA GLY A 257 -26.54 -22.98 -13.03
C GLY A 257 -26.61 -23.51 -14.44
N ASP A 258 -25.46 -24.01 -14.91
CA ASP A 258 -25.28 -24.55 -16.24
C ASP A 258 -25.91 -23.60 -17.26
N MET A 259 -25.51 -22.34 -17.16
CA MET A 259 -26.01 -21.29 -18.04
C MET A 259 -25.17 -21.16 -19.29
N ALA A 260 -25.85 -21.09 -20.42
CA ALA A 260 -25.20 -20.99 -21.71
C ALA A 260 -24.10 -19.94 -21.85
N PHE A 261 -24.16 -18.88 -21.06
CA PHE A 261 -23.18 -17.80 -21.16
C PHE A 261 -21.93 -17.97 -20.32
N VAL A 262 -21.88 -18.98 -19.47
CA VAL A 262 -20.70 -19.17 -18.65
C VAL A 262 -19.50 -19.56 -19.50
N HIS A 263 -18.38 -18.91 -19.24
CA HIS A 263 -17.15 -19.16 -20.00
C HIS A 263 -16.78 -20.64 -20.07
N PRO A 264 -16.86 -21.24 -21.28
CA PRO A 264 -16.56 -22.65 -21.55
C PRO A 264 -15.32 -23.18 -20.86
N GLY A 265 -14.20 -22.47 -21.00
CA GLY A 265 -12.97 -22.88 -20.37
C GLY A 265 -13.20 -23.13 -18.90
N TRP A 266 -13.83 -22.18 -18.24
CA TRP A 266 -14.15 -22.26 -16.82
C TRP A 266 -15.04 -23.46 -16.58
N LYS A 267 -16.13 -23.52 -17.34
CA LYS A 267 -17.10 -24.60 -17.23
C LYS A 267 -16.47 -25.97 -17.02
N THR A 268 -15.57 -26.35 -17.92
CA THR A 268 -14.89 -27.66 -17.86
C THR A 268 -13.74 -27.72 -16.86
N CYS A 269 -12.92 -26.67 -16.80
CA CYS A 269 -11.80 -26.65 -15.88
C CYS A 269 -12.31 -26.91 -14.46
N ILE A 270 -13.42 -26.28 -14.11
CA ILE A 270 -14.00 -26.45 -12.79
C ILE A 270 -14.69 -27.81 -12.73
N GLY A 271 -14.93 -28.40 -13.89
CA GLY A 271 -15.54 -29.71 -13.93
C GLY A 271 -14.45 -30.72 -13.58
N GLN A 272 -13.28 -30.51 -14.19
CA GLN A 272 -12.13 -31.38 -13.97
C GLN A 272 -11.68 -31.37 -12.52
N LEU A 273 -11.75 -30.21 -11.86
CA LEU A 273 -11.33 -30.11 -10.47
C LEU A 273 -12.27 -30.88 -9.54
N CYS A 274 -13.55 -30.86 -9.86
CA CYS A 274 -14.56 -31.55 -9.06
C CYS A 274 -14.53 -33.05 -9.24
N GLY A 275 -13.84 -33.51 -10.27
CA GLY A 275 -13.73 -34.93 -10.52
C GLY A 275 -12.48 -35.49 -9.85
N GLY A 276 -11.50 -34.62 -9.62
CA GLY A 276 -10.26 -35.02 -8.99
C GLY A 276 -8.99 -34.61 -9.72
N THR A 277 -9.10 -34.02 -10.90
CA THR A 277 -7.91 -33.62 -11.66
C THR A 277 -7.15 -32.48 -10.99
N THR A 278 -5.82 -32.54 -11.06
CA THR A 278 -4.97 -31.52 -10.45
C THR A 278 -5.00 -30.24 -11.27
N PHE A 279 -5.00 -29.10 -10.57
CA PHE A 279 -5.03 -27.78 -11.21
C PHE A 279 -4.00 -27.73 -12.34
N GLU A 280 -2.83 -28.32 -12.09
CA GLU A 280 -1.76 -28.36 -13.09
C GLU A 280 -2.24 -28.91 -14.43
N VAL A 281 -3.27 -29.76 -14.39
CA VAL A 281 -3.80 -30.39 -15.60
C VAL A 281 -5.07 -29.75 -16.14
N ALA A 282 -5.89 -29.20 -15.25
CA ALA A 282 -7.15 -28.59 -15.65
C ALA A 282 -7.03 -27.11 -16.03
N LYS A 283 -6.07 -26.42 -15.44
CA LYS A 283 -5.85 -25.00 -15.71
C LYS A 283 -5.70 -24.76 -17.20
N THR A 284 -5.50 -25.84 -17.94
CA THR A 284 -5.31 -25.76 -19.39
C THR A 284 -6.60 -25.51 -20.16
N SER A 285 -7.63 -26.28 -19.84
CA SER A 285 -8.90 -26.13 -20.54
C SER A 285 -9.55 -24.76 -20.36
N LEU A 286 -8.92 -23.89 -19.58
CA LEU A 286 -9.42 -22.53 -19.35
C LEU A 286 -9.28 -21.63 -20.58
N TYR A 287 -8.19 -21.81 -21.31
CA TYR A 287 -7.91 -21.00 -22.48
C TYR A 287 -7.85 -21.85 -23.73
N SER A 288 -8.03 -23.15 -23.58
CA SER A 288 -7.97 -24.04 -24.72
C SER A 288 -9.34 -24.44 -25.29
N ILE A 289 -10.42 -24.05 -24.62
CA ILE A 289 -11.76 -24.39 -25.12
C ILE A 289 -12.45 -23.20 -25.78
N LYS A 290 -13.04 -23.43 -26.95
CA LYS A 290 -13.73 -22.38 -27.72
C LYS A 290 -15.21 -22.29 -27.38
N PRO A 291 -15.83 -21.12 -27.58
CA PRO A 291 -17.25 -20.96 -27.28
C PRO A 291 -18.02 -21.68 -28.36
N SER A 292 -19.32 -21.85 -28.19
CA SER A 292 -20.09 -22.53 -29.22
C SER A 292 -20.06 -21.63 -30.45
N LYS A 293 -20.47 -22.18 -31.59
CA LYS A 293 -20.51 -21.39 -32.81
C LYS A 293 -21.87 -20.72 -32.88
N THR A 294 -22.85 -21.28 -32.19
CA THR A 294 -24.19 -20.69 -32.16
C THR A 294 -24.04 -19.33 -31.50
N VAL A 295 -23.08 -19.24 -30.60
CA VAL A 295 -22.81 -18.01 -29.90
C VAL A 295 -21.98 -17.04 -30.75
N ARG A 296 -20.95 -17.55 -31.42
CA ARG A 296 -20.13 -16.70 -32.27
C ARG A 296 -21.02 -16.07 -33.34
N THR A 297 -21.78 -16.92 -34.02
CA THR A 297 -22.70 -16.48 -35.07
C THR A 297 -23.64 -15.43 -34.50
N ALA A 298 -24.12 -15.68 -33.29
CA ALA A 298 -25.03 -14.77 -32.63
C ALA A 298 -24.35 -13.44 -32.31
N THR A 299 -23.06 -13.47 -31.96
CA THR A 299 -22.37 -12.23 -31.65
C THR A 299 -21.99 -11.44 -32.91
N ASN A 300 -21.64 -12.12 -33.99
CA ASN A 300 -21.31 -11.42 -35.24
C ASN A 300 -22.57 -10.72 -35.73
N LYS A 301 -23.71 -11.39 -35.53
CA LYS A 301 -25.01 -10.88 -35.92
C LYS A 301 -25.32 -9.57 -35.18
N ILE A 302 -24.88 -9.46 -33.93
CA ILE A 302 -25.11 -8.25 -33.16
C ILE A 302 -24.34 -7.13 -33.81
N GLU A 303 -23.07 -7.40 -34.10
CA GLU A 303 -22.22 -6.40 -34.75
C GLU A 303 -22.85 -5.96 -36.05
N SER A 304 -23.25 -6.93 -36.85
CA SER A 304 -23.87 -6.65 -38.14
C SER A 304 -25.13 -5.80 -38.02
N ASP A 305 -26.11 -6.29 -37.24
CA ASP A 305 -27.37 -5.58 -37.06
C ASP A 305 -27.12 -4.20 -36.52
N LEU A 306 -26.03 -4.05 -35.80
CA LEU A 306 -25.69 -2.77 -35.21
C LEU A 306 -25.12 -1.85 -36.30
N ILE A 307 -24.46 -2.42 -37.29
CA ILE A 307 -23.89 -1.63 -38.37
C ILE A 307 -24.95 -1.04 -39.28
N SER A 308 -26.04 -1.78 -39.47
CA SER A 308 -27.14 -1.32 -40.33
C SER A 308 -28.50 -1.42 -39.67
N MET A 309 -29.00 -0.31 -39.15
CA MET A 309 -30.31 -0.32 -38.52
C MET A 309 -30.74 1.12 -38.30
N ALA B 2 15.28 5.59 -6.53
CA ALA B 2 15.08 5.63 -8.00
C ALA B 2 16.37 6.02 -8.74
N GLU B 3 16.53 5.50 -9.96
CA GLU B 3 17.70 5.79 -10.78
C GLU B 3 17.55 7.16 -11.41
N LEU B 4 18.64 7.93 -11.47
CA LEU B 4 18.62 9.28 -12.03
C LEU B 4 17.85 9.37 -13.34
N ALA B 5 17.84 8.29 -14.10
CA ALA B 5 17.13 8.24 -15.38
C ALA B 5 15.62 8.42 -15.21
N CYS B 6 15.10 8.15 -14.01
CA CYS B 6 13.68 8.33 -13.76
C CYS B 6 13.32 9.81 -13.66
N PHE B 7 14.31 10.68 -13.60
CA PHE B 7 14.02 12.10 -13.48
C PHE B 7 14.52 12.98 -14.62
N VAL B 8 15.60 12.57 -15.29
CA VAL B 8 16.14 13.40 -16.37
C VAL B 8 16.70 12.60 -17.53
N SER B 9 16.69 13.22 -18.71
CA SER B 9 17.24 12.60 -19.92
C SER B 9 18.34 13.56 -20.37
N PHE B 10 19.14 13.16 -21.35
CA PHE B 10 20.25 14.01 -21.77
C PHE B 10 20.56 14.05 -23.26
N SER B 11 21.46 14.96 -23.63
CA SER B 11 21.90 15.13 -25.01
C SER B 11 23.41 15.33 -25.06
N LEU B 12 24.05 14.68 -26.02
CA LEU B 12 25.51 14.78 -26.18
C LEU B 12 25.91 15.57 -27.44
N THR B 13 24.96 16.31 -28.02
CA THR B 13 25.19 17.08 -29.23
C THR B 13 26.20 18.21 -29.06
N GLU B 14 26.09 18.96 -27.97
CA GLU B 14 27.03 20.05 -27.73
C GLU B 14 28.31 19.53 -27.06
N ASP B 15 29.14 20.43 -26.56
CA ASP B 15 30.40 20.06 -25.90
C ASP B 15 30.24 19.71 -24.44
N LYS B 16 29.14 20.16 -23.87
CA LYS B 16 28.85 19.89 -22.48
C LYS B 16 27.51 19.18 -22.41
N VAL B 17 27.44 18.11 -21.63
CA VAL B 17 26.22 17.35 -21.50
C VAL B 17 25.09 18.25 -21.02
N VAL B 18 24.01 18.27 -21.80
CA VAL B 18 22.84 19.07 -21.48
C VAL B 18 21.74 18.13 -20.98
N TRP B 19 21.21 18.41 -19.80
CA TRP B 19 20.17 17.54 -19.24
C TRP B 19 18.78 18.14 -19.42
N TYR B 20 17.75 17.30 -19.46
CA TYR B 20 16.39 17.80 -19.60
C TYR B 20 15.45 17.10 -18.63
N PRO B 21 14.44 17.85 -18.15
CA PRO B 21 13.46 17.31 -17.22
C PRO B 21 12.53 16.33 -17.94
N ILE B 22 11.87 15.47 -17.16
CA ILE B 22 10.96 14.47 -17.67
C ILE B 22 9.62 14.72 -16.99
N ASN B 23 8.55 14.92 -17.77
CA ASN B 23 7.25 15.21 -17.19
C ASN B 23 6.30 14.04 -17.00
N LYS B 24 5.34 14.23 -16.10
CA LYS B 24 4.36 13.20 -15.75
C LYS B 24 3.58 12.58 -16.91
N LYS B 25 3.52 13.29 -18.03
CA LYS B 25 2.79 12.73 -19.17
C LYS B 25 3.63 11.69 -19.89
N ALA B 26 4.90 12.03 -20.14
CA ALA B 26 5.83 11.12 -20.82
C ALA B 26 5.95 9.83 -20.02
N VAL B 27 6.06 9.94 -18.70
CA VAL B 27 6.17 8.75 -17.88
C VAL B 27 4.89 7.96 -18.06
N GLN B 28 3.76 8.67 -18.11
CA GLN B 28 2.48 8.03 -18.29
C GLN B 28 2.43 7.29 -19.63
N THR B 29 2.70 7.99 -20.74
CA THR B 29 2.70 7.35 -22.04
C THR B 29 3.64 6.15 -22.05
N MET B 30 4.83 6.31 -21.48
CA MET B 30 5.80 5.23 -21.45
C MET B 30 5.22 3.99 -20.78
N LEU B 31 4.70 4.17 -19.57
CA LEU B 31 4.15 3.03 -18.84
C LEU B 31 3.09 2.24 -19.57
N CYS B 32 2.44 2.83 -20.57
CA CYS B 32 1.40 2.12 -21.27
C CYS B 32 1.87 1.62 -22.62
N ALA B 33 2.77 2.37 -23.24
CA ALA B 33 3.31 2.03 -24.55
C ALA B 33 3.82 0.60 -24.62
N LYS B 34 3.87 0.06 -25.83
CA LYS B 34 4.35 -1.29 -26.10
C LYS B 34 5.77 -1.23 -26.65
N VAL B 35 6.74 -1.67 -25.85
CA VAL B 35 8.14 -1.62 -26.27
C VAL B 35 8.79 -2.99 -26.39
N GLU B 36 9.57 -3.19 -27.46
CA GLU B 36 10.27 -4.45 -27.68
C GLU B 36 11.29 -4.63 -26.56
N LYS B 37 11.48 -5.86 -26.10
CA LYS B 37 12.41 -6.11 -25.01
C LYS B 37 13.83 -5.53 -25.18
N ASP B 38 14.52 -5.84 -26.27
CA ASP B 38 15.88 -5.33 -26.46
C ASP B 38 15.93 -3.82 -26.62
N GLN B 39 14.85 -3.14 -26.22
CA GLN B 39 14.79 -1.68 -26.33
C GLN B 39 14.39 -1.00 -25.03
N ARG B 40 14.28 -1.79 -23.96
CA ARG B 40 13.87 -1.27 -22.67
C ARG B 40 14.96 -0.61 -21.84
N SER B 41 16.18 -0.66 -22.35
CA SER B 41 17.29 -0.04 -21.63
C SER B 41 17.43 1.40 -22.07
N ASN B 42 16.84 1.70 -23.23
CA ASN B 42 16.88 3.03 -23.82
C ASN B 42 15.76 3.97 -23.36
N TYR B 43 16.07 5.25 -23.27
CA TYR B 43 15.06 6.22 -22.91
C TYR B 43 14.01 6.11 -24.01
N TYR B 44 12.74 6.11 -23.61
CA TYR B 44 11.61 5.98 -24.53
C TYR B 44 11.12 7.33 -25.07
N ASP B 45 10.88 7.39 -26.37
CA ASP B 45 10.40 8.60 -27.01
C ASP B 45 8.87 8.59 -27.15
N THR B 46 8.23 9.51 -26.43
CA THR B 46 6.79 9.65 -26.38
C THR B 46 6.21 10.40 -27.57
N ILE B 47 7.10 11.03 -28.34
CA ILE B 47 6.72 11.79 -29.52
C ILE B 47 5.92 13.05 -29.19
N LEU B 48 4.93 12.92 -28.31
CA LEU B 48 4.10 14.06 -27.93
C LEU B 48 4.56 14.74 -26.65
N TYR B 49 5.30 14.01 -25.82
CA TYR B 49 5.75 14.55 -24.55
C TYR B 49 7.26 14.46 -24.32
N GLY B 50 8.02 14.24 -25.37
CA GLY B 50 9.47 14.15 -25.21
C GLY B 50 9.96 12.80 -24.68
N VAL B 51 11.20 12.78 -24.22
CA VAL B 51 11.81 11.56 -23.70
C VAL B 51 11.36 11.17 -22.30
N ALA B 52 11.26 9.86 -22.06
CA ALA B 52 10.84 9.36 -20.77
C ALA B 52 11.87 8.35 -20.26
N PRO B 53 11.77 7.95 -18.99
CA PRO B 53 12.72 6.99 -18.43
C PRO B 53 12.67 5.68 -19.22
N PRO B 54 13.78 4.93 -19.25
CA PRO B 54 13.69 3.67 -20.01
C PRO B 54 12.80 2.67 -19.25
N PRO B 55 11.96 1.91 -20.00
CA PRO B 55 11.04 0.91 -19.46
C PRO B 55 11.65 0.04 -18.39
N GLU B 56 12.95 -0.16 -18.50
CA GLU B 56 13.72 -0.95 -17.55
C GLU B 56 13.45 -0.50 -16.13
N PHE B 57 13.10 0.77 -15.96
CA PHE B 57 12.86 1.32 -14.65
C PHE B 57 11.40 1.62 -14.31
N ARG B 58 10.48 1.07 -15.09
CA ARG B 58 9.06 1.30 -14.85
C ARG B 58 8.70 0.93 -13.40
N ASN B 59 9.39 -0.06 -12.86
CA ASN B 59 9.15 -0.53 -11.49
C ASN B 59 9.31 0.53 -10.41
N ARG B 60 9.86 1.69 -10.76
CA ARG B 60 10.07 2.73 -9.75
C ARG B 60 8.91 3.70 -9.68
N PHE B 61 7.99 3.62 -10.63
CA PHE B 61 6.85 4.53 -10.65
C PHE B 61 5.57 3.91 -10.06
N LYS B 62 4.79 4.74 -9.37
CA LYS B 62 3.56 4.29 -8.74
C LYS B 62 2.45 4.06 -9.75
N THR B 63 1.65 3.02 -9.50
CA THR B 63 0.53 2.67 -10.35
C THR B 63 -0.72 2.68 -9.48
N ASN B 64 -1.79 2.05 -9.96
CA ASN B 64 -3.03 1.97 -9.19
C ASN B 64 -2.88 0.79 -8.26
N GLU B 65 -1.75 0.10 -8.35
CA GLU B 65 -1.49 -1.08 -7.55
C GLU B 65 -0.10 -1.16 -6.92
N ARG B 66 0.85 -0.39 -7.45
CA ARG B 66 2.21 -0.44 -6.92
C ARG B 66 2.65 0.82 -6.19
N TYR B 67 3.63 0.67 -5.30
CA TYR B 67 4.16 1.78 -4.54
C TYR B 67 5.43 2.29 -5.20
N GLY B 68 5.47 3.58 -5.49
CA GLY B 68 6.64 4.15 -6.13
C GLY B 68 6.52 5.65 -6.21
N LEU B 69 7.37 6.26 -7.03
CA LEU B 69 7.37 7.70 -7.20
C LEU B 69 6.04 8.23 -7.67
N ASP B 70 5.41 9.08 -6.87
CA ASP B 70 4.13 9.67 -7.26
C ASP B 70 4.51 10.68 -8.35
N TYR B 71 4.88 10.18 -9.51
CA TYR B 71 5.30 11.02 -10.63
C TYR B 71 4.28 12.08 -11.02
N GLU B 72 3.02 11.85 -10.66
CA GLU B 72 1.95 12.77 -10.97
C GLU B 72 1.92 13.97 -10.04
N SER B 73 2.70 13.90 -8.97
CA SER B 73 2.78 14.96 -7.96
C SER B 73 3.51 16.23 -8.42
N ASP B 74 3.01 17.40 -8.01
CA ASP B 74 3.67 18.65 -8.39
C ASP B 74 5.11 18.63 -7.91
N GLN B 75 5.38 17.81 -6.90
CA GLN B 75 6.71 17.70 -6.36
C GLN B 75 7.65 17.08 -7.41
N TYR B 76 7.15 16.08 -8.13
CA TYR B 76 7.94 15.41 -9.16
C TYR B 76 8.45 16.46 -10.18
N THR B 77 7.60 17.43 -10.53
CA THR B 77 7.97 18.46 -11.48
C THR B 77 9.07 19.34 -10.90
N GLU B 78 8.98 19.59 -9.60
CA GLU B 78 10.00 20.40 -8.93
C GLU B 78 11.32 19.67 -8.92
N LEU B 79 11.30 18.43 -8.46
CA LEU B 79 12.51 17.63 -8.39
C LEU B 79 13.19 17.45 -9.74
N VAL B 80 12.36 17.26 -10.75
CA VAL B 80 12.84 17.03 -12.10
C VAL B 80 13.56 18.24 -12.64
N ASN B 81 13.08 19.41 -12.27
CA ASN B 81 13.71 20.63 -12.73
C ASN B 81 14.94 20.94 -11.91
N LEU B 82 14.85 20.79 -10.60
CA LEU B 82 15.98 21.02 -9.71
C LEU B 82 17.16 20.18 -10.20
N LEU B 83 16.87 18.95 -10.59
CA LEU B 83 17.90 18.06 -11.06
C LEU B 83 18.50 18.53 -12.38
N ALA B 84 17.66 18.72 -13.40
CA ALA B 84 18.16 19.19 -14.70
C ALA B 84 19.03 20.44 -14.53
N ASP B 85 18.49 21.46 -13.88
CA ASP B 85 19.24 22.69 -13.65
C ASP B 85 20.58 22.33 -13.05
N THR B 86 20.55 21.78 -11.84
CA THR B 86 21.75 21.40 -11.13
C THR B 86 22.78 20.67 -12.00
N LEU B 87 22.35 19.67 -12.76
CA LEU B 87 23.28 18.93 -13.60
C LEU B 87 23.85 19.71 -14.77
N ASN B 88 23.03 20.54 -15.39
CA ASN B 88 23.52 21.34 -16.51
C ASN B 88 24.55 22.29 -15.93
N MET B 89 24.22 22.89 -14.79
CA MET B 89 25.14 23.81 -14.15
C MET B 89 26.47 23.12 -13.82
N VAL B 90 26.42 21.90 -13.28
CA VAL B 90 27.64 21.19 -12.96
C VAL B 90 28.49 21.09 -14.24
N SER B 91 27.81 21.28 -15.37
CA SER B 91 28.44 21.26 -16.69
C SER B 91 29.56 20.24 -16.88
N MET B 92 29.18 19.01 -17.15
CA MET B 92 30.16 17.96 -17.36
C MET B 92 30.46 17.82 -18.84
N PRO B 93 31.75 17.62 -19.19
CA PRO B 93 32.23 17.47 -20.57
C PRO B 93 31.71 16.19 -21.23
N THR B 94 31.19 16.31 -22.45
CA THR B 94 30.65 15.17 -23.17
C THR B 94 31.69 14.06 -23.36
N GLU B 95 32.90 14.46 -23.75
CA GLU B 95 34.02 13.55 -23.97
C GLU B 95 34.18 12.50 -22.86
N LYS B 96 33.79 12.87 -21.64
CA LYS B 96 33.90 11.97 -20.48
C LYS B 96 32.57 11.37 -20.04
N PHE B 97 31.48 11.72 -20.73
CA PHE B 97 30.18 11.20 -20.36
C PHE B 97 30.12 9.68 -20.45
N GLN B 98 29.46 9.08 -19.48
CA GLN B 98 29.27 7.64 -19.46
C GLN B 98 27.79 7.34 -19.17
N PHE B 99 27.14 6.64 -20.08
CA PHE B 99 25.72 6.33 -19.96
C PHE B 99 25.31 5.80 -18.60
N ASP B 100 26.08 4.86 -18.07
CA ASP B 100 25.74 4.29 -16.78
C ASP B 100 25.62 5.26 -15.63
N ILE B 101 25.71 6.56 -15.89
CA ILE B 101 25.57 7.50 -14.79
C ILE B 101 24.09 7.66 -14.43
N VAL B 102 23.24 7.67 -15.45
CA VAL B 102 21.81 7.83 -15.23
C VAL B 102 21.26 6.65 -14.42
N LYS B 103 22.08 5.63 -14.23
CA LYS B 103 21.66 4.47 -13.46
C LYS B 103 22.01 4.68 -12.00
N THR B 104 22.56 5.85 -11.67
CA THR B 104 22.91 6.14 -10.29
C THR B 104 21.66 6.23 -9.44
N VAL B 105 21.62 5.48 -8.36
CA VAL B 105 20.43 5.54 -7.53
C VAL B 105 20.54 6.73 -6.62
N VAL B 106 19.53 7.60 -6.66
CA VAL B 106 19.53 8.79 -5.81
C VAL B 106 18.62 8.62 -4.60
N GLN B 107 18.76 9.56 -3.66
CA GLN B 107 18.00 9.57 -2.42
C GLN B 107 16.83 10.49 -2.65
N VAL B 108 15.72 9.91 -3.07
CA VAL B 108 14.54 10.69 -3.36
C VAL B 108 13.96 11.46 -2.19
N ARG B 109 13.84 10.85 -1.03
CA ARG B 109 13.27 11.59 0.09
C ARG B 109 14.20 12.70 0.53
N HIS B 110 15.51 12.46 0.43
CA HIS B 110 16.50 13.46 0.79
C HIS B 110 16.23 14.65 -0.13
N LEU B 111 16.31 14.43 -1.45
CA LEU B 111 16.07 15.49 -2.42
C LEU B 111 14.78 16.26 -2.17
N GLU B 112 13.70 15.54 -1.85
CA GLU B 112 12.44 16.23 -1.61
C GLU B 112 12.55 17.23 -0.47
N ASN B 113 13.23 16.85 0.62
CA ASN B 113 13.39 17.78 1.73
C ASN B 113 14.22 18.97 1.28
N LEU B 114 15.22 18.74 0.43
CA LEU B 114 16.04 19.83 -0.08
C LEU B 114 15.14 20.83 -0.80
N LEU B 115 14.18 20.34 -1.58
CA LEU B 115 13.27 21.25 -2.29
C LEU B 115 12.64 22.20 -1.30
N CYS B 116 12.15 21.67 -0.18
CA CYS B 116 11.52 22.51 0.85
C CYS B 116 12.50 23.53 1.39
N ARG B 117 13.76 23.15 1.46
CA ARG B 117 14.78 24.07 1.93
C ARG B 117 15.05 25.08 0.82
N ILE B 118 15.23 24.59 -0.40
CA ILE B 118 15.48 25.48 -1.53
C ILE B 118 14.35 26.45 -1.80
N LYS B 119 13.13 26.02 -1.52
CA LYS B 119 11.96 26.85 -1.75
C LYS B 119 11.73 27.81 -0.59
N ASP B 120 12.36 27.54 0.55
CA ASP B 120 12.19 28.40 1.72
C ASP B 120 12.94 29.71 1.60
N VAL B 121 12.19 30.82 1.67
CA VAL B 121 12.77 32.16 1.53
C VAL B 121 13.97 32.45 2.43
N ASN B 122 13.85 32.04 3.69
CA ASN B 122 14.87 32.26 4.70
C ASN B 122 16.03 31.29 4.68
N ASP B 123 15.83 30.13 4.07
CA ASP B 123 16.87 29.13 4.02
C ASP B 123 18.00 29.60 3.11
N ILE B 124 19.21 29.57 3.62
CA ILE B 124 20.35 30.01 2.85
C ILE B 124 20.41 29.38 1.47
N LEU B 125 20.00 28.12 1.36
CA LEU B 125 20.07 27.45 0.06
C LEU B 125 19.16 28.11 -0.94
N ASN B 126 18.22 28.89 -0.46
CA ASN B 126 17.28 29.57 -1.33
C ASN B 126 17.97 30.55 -2.26
N ALA B 127 19.17 31.00 -1.88
CA ALA B 127 19.90 31.97 -2.67
C ALA B 127 21.34 31.57 -2.96
N ASN B 128 21.85 30.54 -2.28
CA ASN B 128 23.23 30.13 -2.51
C ASN B 128 23.38 29.05 -3.56
N VAL B 129 23.23 29.45 -4.82
CA VAL B 129 23.32 28.55 -5.95
C VAL B 129 24.43 27.51 -5.81
N LYS B 130 25.59 27.93 -5.29
CA LYS B 130 26.67 26.96 -5.16
C LYS B 130 26.45 25.91 -4.08
N LEU B 131 25.87 26.30 -2.95
CA LEU B 131 25.61 25.34 -1.89
C LEU B 131 24.55 24.36 -2.37
N ARG B 132 23.48 24.91 -2.94
CA ARG B 132 22.39 24.10 -3.43
C ARG B 132 22.98 22.99 -4.30
N VAL B 133 23.86 23.36 -5.21
CA VAL B 133 24.48 22.35 -6.08
C VAL B 133 25.24 21.31 -5.26
N LYS B 134 25.81 21.71 -4.14
CA LYS B 134 26.55 20.78 -3.29
C LYS B 134 25.59 19.86 -2.55
N ALA B 135 24.51 20.43 -2.03
CA ALA B 135 23.51 19.64 -1.31
C ALA B 135 22.94 18.58 -2.26
N VAL B 136 22.57 19.03 -3.45
CA VAL B 136 22.00 18.16 -4.48
C VAL B 136 22.93 17.06 -5.00
N MET B 137 24.20 17.38 -5.20
CA MET B 137 25.08 16.35 -5.69
C MET B 137 25.25 15.31 -4.61
N ILE B 138 25.28 15.76 -3.35
CA ILE B 138 25.41 14.84 -2.23
C ILE B 138 24.20 13.90 -2.25
N ALA B 139 23.02 14.49 -2.28
CA ALA B 139 21.78 13.74 -2.30
C ALA B 139 21.69 12.77 -3.47
N CYS B 140 22.28 13.14 -4.60
CA CYS B 140 22.20 12.28 -5.76
C CYS B 140 23.25 11.19 -5.75
N ASN B 141 24.02 11.12 -4.67
CA ASN B 141 25.07 10.12 -4.54
C ASN B 141 26.01 10.26 -5.73
N LEU B 142 26.15 11.49 -6.19
CA LEU B 142 27.00 11.76 -7.33
C LEU B 142 28.38 12.24 -6.91
N VAL B 143 28.49 12.67 -5.65
CA VAL B 143 29.77 13.13 -5.12
C VAL B 143 29.96 12.72 -3.67
N ASN B 144 31.22 12.56 -3.27
CA ASN B 144 31.56 12.20 -1.90
C ASN B 144 31.94 13.45 -1.14
N GLU B 145 31.02 13.94 -0.33
CA GLU B 145 31.26 15.13 0.46
C GLU B 145 30.48 14.99 1.74
N THR B 146 30.99 15.59 2.81
CA THR B 146 30.35 15.54 4.12
C THR B 146 29.05 16.32 4.14
N GLU B 147 27.99 15.70 4.67
CA GLU B 147 26.73 16.38 4.75
C GLU B 147 26.71 17.28 5.98
N THR B 148 27.58 18.29 6.00
CA THR B 148 27.61 19.23 7.12
C THR B 148 26.28 19.99 7.18
N THR B 149 25.96 20.56 8.32
CA THR B 149 24.70 21.30 8.48
C THR B 149 24.20 22.20 7.33
N PRO B 150 25.07 23.04 6.77
CA PRO B 150 24.58 23.90 5.69
C PRO B 150 24.01 23.11 4.53
N LEU B 151 24.36 21.84 4.45
CA LEU B 151 23.89 21.02 3.35
C LEU B 151 22.83 19.98 3.72
N THR B 152 22.61 19.74 5.01
CA THR B 152 21.66 18.70 5.40
C THR B 152 20.26 18.77 4.81
N GLU B 153 19.80 17.62 4.32
CA GLU B 153 18.51 17.50 3.68
C GLU B 153 17.34 18.25 4.30
N SER B 154 17.29 18.35 5.62
CA SER B 154 16.17 19.03 6.25
C SER B 154 16.59 20.21 7.07
N ASN B 155 15.72 21.21 7.21
CA ASN B 155 16.05 22.38 7.99
C ASN B 155 15.14 22.61 9.20
N ASP B 156 14.29 21.63 9.51
CA ASP B 156 13.43 21.76 10.67
C ASP B 156 14.38 21.54 11.85
N ILE B 157 14.99 22.62 12.34
CA ILE B 157 15.93 22.53 13.45
C ILE B 157 15.24 22.31 14.79
N VAL B 158 15.71 21.32 15.54
CA VAL B 158 15.13 21.00 16.86
C VAL B 158 16.19 21.05 17.95
N TYR B 159 17.43 21.35 17.56
CA TYR B 159 18.52 21.47 18.51
C TYR B 159 19.73 22.02 17.82
N GLN B 160 20.46 22.86 18.52
CA GLN B 160 21.66 23.41 17.94
C GLN B 160 22.59 24.04 18.97
N ASP B 161 23.85 23.61 18.93
CA ASP B 161 24.85 24.20 19.80
C ASP B 161 25.99 24.49 18.87
N SER B 162 27.12 24.90 19.42
CA SER B 162 28.25 25.26 18.61
C SER B 162 28.64 24.24 17.59
N TYR B 163 28.71 22.98 18.00
CA TYR B 163 29.15 21.92 17.11
C TYR B 163 28.14 21.11 16.34
N PHE B 164 27.01 20.80 16.95
CA PHE B 164 26.02 19.97 16.26
C PHE B 164 24.72 20.66 15.89
N THR B 165 23.92 19.96 15.10
CA THR B 165 22.62 20.45 14.69
C THR B 165 21.72 19.26 14.47
N ILE B 166 20.57 19.24 15.14
CA ILE B 166 19.64 18.13 14.97
C ILE B 166 18.44 18.58 14.14
N THR B 167 18.20 17.92 13.02
CA THR B 167 17.05 18.25 12.19
C THR B 167 16.05 17.09 12.21
N LYS B 168 14.76 17.42 12.09
CA LYS B 168 13.71 16.41 12.10
C LYS B 168 13.46 15.97 10.66
N LEU B 169 13.43 14.67 10.42
CA LEU B 169 13.18 14.19 9.07
C LEU B 169 11.77 13.60 9.09
N ASP B 170 10.81 14.39 8.62
CA ASP B 170 9.44 13.93 8.60
C ASP B 170 9.04 13.63 7.17
N TYR B 171 8.80 12.36 6.88
CA TYR B 171 8.43 11.97 5.54
C TYR B 171 6.93 11.85 5.40
N SER B 172 6.25 11.78 6.55
CA SER B 172 4.81 11.68 6.60
C SER B 172 4.11 12.48 5.52
N ASN B 173 4.56 13.70 5.27
CA ASN B 173 3.90 14.52 4.26
C ASN B 173 4.57 14.63 2.90
N HIS B 174 5.71 13.95 2.72
CA HIS B 174 6.39 13.99 1.44
C HIS B 174 5.38 13.53 0.38
N LYS B 175 5.21 14.32 -0.67
CA LYS B 175 4.26 13.97 -1.72
C LYS B 175 4.88 13.09 -2.82
N LEU B 176 6.11 12.61 -2.64
CA LEU B 176 6.77 11.79 -3.65
C LEU B 176 6.85 10.32 -3.25
N LEU B 177 7.49 10.05 -2.12
CA LEU B 177 7.62 8.69 -1.60
C LEU B 177 7.24 8.75 -0.14
N PRO B 178 5.96 9.05 0.14
CA PRO B 178 5.45 9.15 1.51
C PRO B 178 5.99 8.02 2.37
N LEU B 179 6.21 8.33 3.65
CA LEU B 179 6.72 7.33 4.60
C LEU B 179 6.59 7.78 6.06
N MET B 180 6.19 6.82 6.89
CA MET B 180 6.03 7.08 8.32
C MET B 180 7.23 6.45 9.02
N ALA B 181 7.95 7.26 9.78
CA ALA B 181 9.13 6.81 10.50
C ALA B 181 9.68 7.98 11.26
N ASP B 182 9.73 7.87 12.58
CA ASP B 182 10.25 8.92 13.44
C ASP B 182 11.76 8.95 13.23
N GLU B 183 12.26 9.97 12.55
CA GLU B 183 13.70 10.05 12.33
C GLU B 183 14.23 11.46 12.48
N TYR B 184 15.44 11.56 13.02
CA TYR B 184 16.10 12.84 13.22
C TYR B 184 17.50 12.72 12.67
N LYS B 185 18.09 13.83 12.26
CA LYS B 185 19.45 13.80 11.75
C LYS B 185 20.37 14.73 12.55
N ILE B 186 21.57 14.21 12.82
CA ILE B 186 22.62 14.91 13.56
C ILE B 186 23.75 15.27 12.59
N THR B 187 23.99 16.55 12.35
CA THR B 187 25.07 16.94 11.45
C THR B 187 26.05 17.90 12.12
N ILE B 188 27.32 17.83 11.75
CA ILE B 188 28.30 18.73 12.34
C ILE B 188 28.26 20.06 11.61
N ASN B 189 28.29 21.15 12.37
CA ASN B 189 28.27 22.48 11.78
C ASN B 189 29.50 22.74 10.90
N THR B 190 30.64 22.16 11.27
CA THR B 190 31.88 22.29 10.50
C THR B 190 32.80 21.11 10.81
N LYS B 191 33.94 21.04 10.13
CA LYS B 191 34.87 19.94 10.35
C LYS B 191 35.82 20.13 11.55
N THR B 192 35.59 21.17 12.36
CA THR B 192 36.45 21.39 13.52
C THR B 192 36.40 20.18 14.45
N ASP B 193 37.48 19.95 15.18
CA ASP B 193 37.51 18.85 16.14
C ASP B 193 36.58 19.22 17.25
N ILE B 194 35.84 18.25 17.76
CA ILE B 194 34.91 18.53 18.84
C ILE B 194 35.39 17.93 20.16
N PRO B 195 35.85 18.77 21.09
CA PRO B 195 36.34 18.29 22.38
C PRO B 195 35.40 17.30 23.07
N ASP B 196 35.99 16.31 23.75
CA ASP B 196 35.21 15.29 24.46
C ASP B 196 34.22 15.99 25.36
N ARG B 197 34.61 17.15 25.85
CA ARG B 197 33.78 17.95 26.73
C ARG B 197 32.40 18.10 26.09
N ASN B 198 32.38 18.66 24.89
CA ASN B 198 31.14 18.89 24.17
C ASN B 198 30.48 17.60 23.68
N GLN B 199 31.29 16.64 23.27
CA GLN B 199 30.73 15.38 22.80
C GLN B 199 29.93 14.71 23.91
N THR B 200 30.56 14.64 25.09
CA THR B 200 29.96 14.04 26.27
C THR B 200 28.64 14.74 26.57
N ALA B 201 28.68 16.05 26.62
CA ALA B 201 27.51 16.85 26.91
C ALA B 201 26.42 16.50 25.89
N PHE B 202 26.74 16.66 24.62
CA PHE B 202 25.77 16.36 23.59
C PHE B 202 25.21 14.95 23.77
N ALA B 203 26.09 13.99 24.06
CA ALA B 203 25.66 12.61 24.27
C ALA B 203 24.62 12.53 25.40
N ALA B 204 24.85 13.29 26.48
CA ALA B 204 23.91 13.31 27.59
C ALA B 204 22.58 13.97 27.20
N TYR B 205 22.65 15.01 26.38
CA TYR B 205 21.47 15.71 25.93
C TYR B 205 20.62 14.76 25.09
N ILE B 206 21.27 14.13 24.11
CA ILE B 206 20.63 13.18 23.22
C ILE B 206 19.93 12.05 23.99
N ARG B 207 20.58 11.53 25.02
CA ARG B 207 20.02 10.44 25.79
C ARG B 207 18.81 10.81 26.63
N TYR B 208 18.70 12.10 26.93
CA TYR B 208 17.59 12.58 27.73
C TYR B 208 16.40 12.96 26.85
N ASN B 209 16.65 13.84 25.89
CA ASN B 209 15.63 14.34 24.98
C ASN B 209 15.21 13.44 23.83
N PHE B 210 15.92 12.33 23.62
CA PHE B 210 15.59 11.41 22.55
C PHE B 210 15.86 9.98 23.01
N ASN B 211 15.62 9.72 24.29
CA ASN B 211 15.89 8.40 24.88
C ASN B 211 15.36 7.19 24.15
N LYS B 212 14.40 7.35 23.25
CA LYS B 212 13.86 6.17 22.57
C LYS B 212 14.57 5.92 21.27
N PHE B 213 15.53 6.79 20.96
CA PHE B 213 16.32 6.70 19.74
C PHE B 213 17.76 6.33 20.01
N ALA B 214 18.40 5.79 18.99
CA ALA B 214 19.80 5.40 19.05
C ALA B 214 20.43 6.20 17.93
N ALA B 215 21.56 6.83 18.21
CA ALA B 215 22.26 7.60 17.19
C ALA B 215 23.19 6.64 16.50
N ILE B 216 22.98 6.45 15.21
CA ILE B 216 23.82 5.54 14.45
C ILE B 216 24.44 6.24 13.25
N SER B 217 25.34 5.55 12.56
CA SER B 217 25.98 6.10 11.38
C SER B 217 26.14 5.03 10.32
N HIS B 218 25.94 5.39 9.06
CA HIS B 218 26.10 4.43 7.97
C HIS B 218 27.48 4.58 7.33
N GLY B 219 28.40 5.16 8.10
CA GLY B 219 29.75 5.33 7.60
C GLY B 219 30.20 6.75 7.39
N LYS B 220 29.36 7.57 6.76
CA LYS B 220 29.66 8.96 6.48
C LYS B 220 29.94 9.78 7.73
N ARG B 221 29.97 11.10 7.60
CA ARG B 221 30.26 11.91 8.76
C ARG B 221 29.01 12.61 9.34
N HIS B 222 27.89 11.91 9.31
CA HIS B 222 26.65 12.42 9.88
C HIS B 222 25.96 11.23 10.54
N TRP B 223 24.98 11.49 11.40
CA TRP B 223 24.32 10.42 12.12
C TRP B 223 22.81 10.56 12.13
N ARG B 224 22.12 9.43 12.14
CA ARG B 224 20.66 9.43 12.19
C ARG B 224 20.23 9.00 13.58
N LEU B 225 19.05 9.45 14.00
CA LEU B 225 18.48 9.05 15.29
C LEU B 225 17.31 8.19 14.86
N VAL B 226 17.26 6.96 15.34
CA VAL B 226 16.18 6.06 14.97
C VAL B 226 15.63 5.38 16.21
N LEU B 227 14.37 4.95 16.15
CA LEU B 227 13.74 4.28 17.29
C LEU B 227 14.46 2.97 17.57
N HIS B 228 14.61 2.62 18.85
CA HIS B 228 15.25 1.36 19.22
C HIS B 228 14.59 0.20 18.49
N SER B 229 13.28 0.32 18.30
CA SER B 229 12.51 -0.70 17.62
C SER B 229 12.91 -0.76 16.15
N GLN B 230 13.91 0.01 15.73
CA GLN B 230 14.32 0.00 14.34
C GLN B 230 15.79 -0.32 14.11
N LEU B 231 16.58 -0.36 15.17
CA LEU B 231 18.00 -0.66 14.99
C LEU B 231 18.13 -1.90 14.14
N MET B 232 17.57 -2.99 14.64
CA MET B 232 17.62 -4.28 13.96
C MET B 232 17.55 -4.12 12.42
N SER B 233 16.54 -3.42 11.93
CA SER B 233 16.38 -3.22 10.49
C SER B 233 17.55 -2.47 9.84
N HIS B 234 17.78 -1.25 10.29
CA HIS B 234 18.86 -0.43 9.77
C HIS B 234 20.16 -1.22 9.73
N ALA B 235 20.32 -2.11 10.71
CA ALA B 235 21.49 -2.96 10.81
C ALA B 235 21.49 -3.90 9.61
N GLU B 236 20.39 -4.62 9.40
CA GLU B 236 20.28 -5.51 8.26
C GLU B 236 20.73 -4.76 7.02
N ARG B 237 20.11 -3.60 6.76
CA ARG B 237 20.45 -2.82 5.59
C ARG B 237 21.95 -2.50 5.50
N LEU B 238 22.57 -2.14 6.61
CA LEU B 238 23.99 -1.82 6.56
C LEU B 238 24.81 -3.09 6.38
N ASP B 239 24.11 -4.21 6.33
CA ASP B 239 24.76 -5.50 6.16
C ASP B 239 24.88 -5.78 4.67
N ARG B 240 23.76 -5.71 3.95
CA ARG B 240 23.77 -5.94 2.51
C ARG B 240 24.74 -4.97 1.84
N LYS B 241 24.67 -3.70 2.25
CA LYS B 241 25.55 -2.68 1.69
C LYS B 241 26.99 -3.14 1.82
N ILE B 242 27.42 -3.41 3.04
CA ILE B 242 28.78 -3.85 3.27
C ILE B 242 29.09 -5.07 2.40
N LYS B 243 28.11 -5.97 2.28
CA LYS B 243 28.26 -7.16 1.44
C LYS B 243 27.93 -6.73 0.01
N SER B 244 28.69 -5.76 -0.48
CA SER B 244 28.51 -5.20 -1.81
C SER B 244 29.61 -4.18 -2.04
N ASP B 245 30.69 -4.30 -1.28
CA ASP B 245 31.84 -3.40 -1.40
C ASP B 245 33.03 -4.19 -1.93
N LYS B 246 32.70 -5.26 -2.65
CA LYS B 246 33.69 -6.16 -3.25
C LYS B 246 34.15 -5.61 -4.60
N TYR B 254 34.64 2.64 6.45
CA TYR B 254 33.59 2.97 7.41
C TYR B 254 34.13 3.85 8.54
N ASP B 255 33.67 5.10 8.61
CA ASP B 255 34.11 6.04 9.63
C ASP B 255 32.99 6.73 10.42
N ASP B 256 32.57 6.14 11.54
CA ASP B 256 31.50 6.73 12.36
C ASP B 256 31.96 8.06 12.92
N GLY B 257 33.24 8.14 13.24
CA GLY B 257 33.80 9.36 13.80
C GLY B 257 34.19 9.18 15.25
N ASP B 258 33.93 7.99 15.80
CA ASP B 258 34.24 7.67 17.20
C ASP B 258 33.40 8.52 18.14
N MET B 259 32.48 9.30 17.59
CA MET B 259 31.65 10.18 18.40
C MET B 259 31.03 9.50 19.62
N ALA B 260 31.24 10.11 20.77
CA ALA B 260 30.76 9.63 22.05
C ALA B 260 29.27 9.26 22.13
N PHE B 261 28.45 9.87 21.28
CA PHE B 261 27.02 9.64 21.31
C PHE B 261 26.53 8.47 20.46
N VAL B 262 27.43 7.84 19.71
CA VAL B 262 27.04 6.70 18.87
C VAL B 262 26.62 5.53 19.74
N HIS B 263 25.49 4.92 19.38
CA HIS B 263 24.93 3.80 20.13
C HIS B 263 25.91 2.63 20.16
N PRO B 264 26.39 2.27 21.37
CA PRO B 264 27.34 1.18 21.60
C PRO B 264 27.02 -0.17 20.97
N GLY B 265 25.76 -0.59 20.99
CA GLY B 265 25.40 -1.87 20.38
C GLY B 265 25.67 -1.82 18.88
N TRP B 266 25.25 -0.73 18.26
CA TRP B 266 25.43 -0.50 16.84
C TRP B 266 26.94 -0.48 16.52
N LYS B 267 27.68 0.33 17.26
CA LYS B 267 29.11 0.46 17.08
C LYS B 267 29.77 -0.92 17.06
N THR B 268 29.42 -1.76 18.03
CA THR B 268 30.02 -3.09 18.11
C THR B 268 29.50 -4.02 17.03
N CYS B 269 28.19 -4.02 16.83
CA CYS B 269 27.60 -4.89 15.81
C CYS B 269 28.24 -4.65 14.45
N ILE B 270 28.27 -3.40 14.01
CA ILE B 270 28.86 -3.03 12.72
C ILE B 270 30.34 -3.39 12.70
N GLY B 271 30.99 -3.20 13.85
CA GLY B 271 32.40 -3.54 13.94
C GLY B 271 32.57 -4.96 13.44
N GLN B 272 31.82 -5.87 14.06
CA GLN B 272 31.86 -7.30 13.73
C GLN B 272 31.57 -7.56 12.26
N LEU B 273 30.56 -6.91 11.71
CA LEU B 273 30.22 -7.13 10.32
C LEU B 273 31.39 -6.84 9.39
N CYS B 274 32.04 -5.69 9.60
CA CYS B 274 33.18 -5.28 8.80
C CYS B 274 34.34 -6.26 8.93
N GLY B 275 34.17 -7.26 9.80
CA GLY B 275 35.22 -8.24 10.00
C GLY B 275 34.82 -9.64 9.59
N GLY B 276 33.78 -9.76 8.77
CA GLY B 276 33.36 -11.07 8.33
C GLY B 276 32.23 -11.74 9.11
N THR B 277 32.08 -11.39 10.39
CA THR B 277 31.02 -11.99 11.20
C THR B 277 29.69 -11.95 10.45
N THR B 278 28.91 -13.02 10.60
CA THR B 278 27.62 -13.08 9.94
C THR B 278 26.63 -12.20 10.71
N PHE B 279 25.64 -11.66 10.00
CA PHE B 279 24.65 -10.80 10.64
C PHE B 279 23.88 -11.53 11.74
N GLU B 280 23.48 -12.75 11.44
CA GLU B 280 22.72 -13.55 12.38
C GLU B 280 23.48 -13.81 13.69
N VAL B 281 24.74 -13.41 13.73
CA VAL B 281 25.58 -13.58 14.92
C VAL B 281 25.87 -12.25 15.58
N ALA B 282 26.04 -11.22 14.74
CA ALA B 282 26.35 -9.88 15.21
C ALA B 282 25.14 -9.06 15.67
N LYS B 283 23.96 -9.36 15.12
CA LYS B 283 22.75 -8.63 15.47
C LYS B 283 22.53 -8.66 16.97
N THR B 284 23.11 -9.65 17.63
CA THR B 284 23.00 -9.81 19.06
C THR B 284 23.53 -8.63 19.85
N SER B 285 24.67 -8.09 19.46
CA SER B 285 25.29 -6.96 20.16
C SER B 285 24.46 -5.68 20.23
N LEU B 286 23.54 -5.50 19.28
CA LEU B 286 22.70 -4.30 19.27
C LEU B 286 22.04 -4.03 20.63
N TYR B 287 21.54 -5.08 21.27
CA TYR B 287 20.90 -4.90 22.57
C TYR B 287 21.72 -5.41 23.75
N SER B 288 22.92 -5.92 23.46
CA SER B 288 23.82 -6.48 24.47
C SER B 288 24.77 -5.52 25.18
N ILE B 289 25.04 -4.36 24.60
CA ILE B 289 25.97 -3.41 25.23
C ILE B 289 25.32 -2.30 26.05
N LYS B 290 25.79 -2.12 27.27
CA LYS B 290 25.26 -1.08 28.16
C LYS B 290 25.95 0.25 27.86
N PRO B 291 25.22 1.37 27.96
CA PRO B 291 25.82 2.68 27.69
C PRO B 291 26.94 2.92 28.68
N SER B 292 27.91 3.75 28.32
CA SER B 292 29.00 4.03 29.25
C SER B 292 28.41 4.71 30.48
N LYS B 293 29.04 4.54 31.63
CA LYS B 293 28.53 5.14 32.85
C LYS B 293 28.88 6.63 32.87
N THR B 294 29.77 7.04 31.98
CA THR B 294 30.17 8.44 31.90
C THR B 294 29.01 9.24 31.32
N VAL B 295 28.24 8.59 30.44
CA VAL B 295 27.09 9.20 29.80
C VAL B 295 25.82 9.00 30.63
N ARG B 296 25.76 7.91 31.39
CA ARG B 296 24.56 7.68 32.20
C ARG B 296 24.55 8.63 33.38
N THR B 297 25.73 8.99 33.86
CA THR B 297 25.84 9.92 34.99
C THR B 297 25.60 11.32 34.45
N ALA B 298 26.07 11.56 33.23
CA ALA B 298 25.90 12.85 32.60
C ALA B 298 24.42 13.03 32.32
N THR B 299 23.73 11.91 32.05
CA THR B 299 22.30 11.94 31.79
C THR B 299 21.48 12.22 33.04
N ASN B 300 21.77 11.50 34.13
CA ASN B 300 21.03 11.71 35.36
C ASN B 300 21.29 13.14 35.86
N LYS B 301 22.45 13.69 35.49
CA LYS B 301 22.79 15.05 35.92
C LYS B 301 21.82 16.07 35.33
N ILE B 302 21.57 15.97 34.02
CA ILE B 302 20.65 16.86 33.34
C ILE B 302 19.27 16.82 34.00
N GLU B 303 18.84 15.63 34.37
CA GLU B 303 17.54 15.43 34.99
C GLU B 303 17.37 16.10 36.33
N SER B 304 18.26 15.77 37.27
CA SER B 304 18.17 16.36 38.60
C SER B 304 18.50 17.85 38.58
N ASP B 305 19.24 18.29 37.56
CA ASP B 305 19.55 19.71 37.45
C ASP B 305 18.26 20.43 37.06
N LEU B 306 17.46 19.77 36.22
CA LEU B 306 16.19 20.33 35.77
C LEU B 306 15.23 20.35 36.95
N ILE B 307 15.25 19.30 37.75
CA ILE B 307 14.38 19.21 38.93
C ILE B 307 14.81 20.25 39.95
N SER B 308 16.12 20.30 40.17
CA SER B 308 16.75 21.19 41.14
C SER B 308 17.46 22.38 40.49
N MET B 309 16.71 23.46 40.25
CA MET B 309 17.27 24.67 39.65
C MET B 309 16.18 25.45 38.92
#